data_4UHR
#
_entry.id   4UHR
#
_cell.length_a   60.407
_cell.length_b   59.187
_cell.length_c   65.058
_cell.angle_alpha   90.00
_cell.angle_beta   92.83
_cell.angle_gamma   90.00
#
_symmetry.space_group_name_H-M   'P 1 21 1'
#
loop_
_entity.id
_entity.type
_entity.pdbx_description
1 polymer 'THERMOSTABILISED HUMAN A2A RECEPTOR'
2 non-polymer "2-[P-(2-CARBOXYETHYL)PHENYLETHYL-AMINO]-5'-N-ETHYLCARBOXAMIDO ADENOSINE"
3 water water
#
_entity_poly.entity_id   1
_entity_poly.type   'polypeptide(L)'
_entity_poly.pdbx_seq_one_letter_code
;MPIMGSSVYITVELAIAVLAILGNVLVCWAVWLNSNLQNVTNYFVVSAAAADILVGVLAIPFAIAISTGFCAACHGCLFI
ACFVLVLTASSIFSLLAIAIDRYIAIRIPLRYNGLVTGTRAKGIIAICWVLSFAIGLTPMLGWNNCGQPKEGKAHSQGCG
EGQVACLFEDVVPMNYMVYFNFFACVLVPLLLMLGVYLRIFLAARRQLKQMESQPLPGERARSTLQKEVHAAKSLAIIVG
LFALCWLPLHIINCFTFFCPDCSHAPLWLMYLAIVLSHTNSVVNPFIYAYRIREFRQTFRKIIRSHVLRQQEPFKAAAAE
NLYFQ
;
_entity_poly.pdbx_strand_id   A
#
# COMPACT_ATOMS: atom_id res chain seq x y z
N SER A 6 16.26 -18.36 -2.51
CA SER A 6 16.88 -18.03 -3.83
C SER A 6 17.31 -16.57 -3.88
N SER A 7 18.44 -16.32 -4.55
CA SER A 7 18.90 -14.95 -4.81
C SER A 7 18.03 -14.27 -5.87
N VAL A 8 17.27 -15.07 -6.62
CA VAL A 8 16.25 -14.57 -7.56
C VAL A 8 15.17 -13.81 -6.79
N TYR A 9 14.77 -14.36 -5.64
CA TYR A 9 13.86 -13.68 -4.72
C TYR A 9 14.47 -12.39 -4.18
N ILE A 10 15.74 -12.45 -3.79
CA ILE A 10 16.45 -11.28 -3.23
C ILE A 10 16.51 -10.12 -4.22
N THR A 11 16.87 -10.42 -5.47
CA THR A 11 17.02 -9.38 -6.49
C THR A 11 15.67 -8.76 -6.91
N VAL A 12 14.64 -9.58 -7.07
CA VAL A 12 13.28 -9.11 -7.37
C VAL A 12 12.76 -8.23 -6.22
N GLU A 13 13.03 -8.66 -5.00
CA GLU A 13 12.64 -7.94 -3.79
C GLU A 13 13.26 -6.54 -3.74
N LEU A 14 14.54 -6.45 -4.10
CA LEU A 14 15.27 -5.19 -4.09
C LEU A 14 14.92 -4.30 -5.27
N ALA A 15 14.61 -4.93 -6.42
CA ALA A 15 14.15 -4.21 -7.59
C ALA A 15 12.85 -3.45 -7.28
N ILE A 16 11.93 -4.13 -6.60
CA ILE A 16 10.66 -3.56 -6.17
C ILE A 16 10.87 -2.47 -5.12
N ALA A 17 11.82 -2.68 -4.22
CA ALA A 17 12.17 -1.68 -3.21
C ALA A 17 12.60 -0.37 -3.85
N VAL A 18 13.40 -0.49 -4.92
CA VAL A 18 13.88 0.68 -5.67
C VAL A 18 12.71 1.44 -6.33
N LEU A 19 11.86 0.71 -7.02
CA LEU A 19 10.69 1.30 -7.68
C LEU A 19 9.69 1.93 -6.70
N ALA A 20 9.55 1.31 -5.52
CA ALA A 20 8.68 1.84 -4.46
C ALA A 20 9.15 3.21 -3.98
N ILE A 21 10.46 3.39 -3.84
CA ILE A 21 11.05 4.65 -3.41
C ILE A 21 10.94 5.71 -4.51
N LEU A 22 11.35 5.35 -5.73
CA LEU A 22 11.40 6.28 -6.86
C LEU A 22 10.04 6.84 -7.27
N GLY A 23 9.08 5.93 -7.52
CA GLY A 23 7.72 6.32 -7.89
C GLY A 23 7.05 7.23 -6.87
N ASN A 24 7.18 6.87 -5.61
CA ASN A 24 6.50 7.59 -4.53
C ASN A 24 7.16 8.91 -4.14
N VAL A 25 8.50 8.96 -4.22
CA VAL A 25 9.24 10.23 -4.08
C VAL A 25 8.79 11.19 -5.18
N LEU A 26 8.62 10.66 -6.39
CA LEU A 26 8.10 11.42 -7.52
C LEU A 26 6.69 11.97 -7.26
N VAL A 27 5.84 11.19 -6.59
CA VAL A 27 4.51 11.65 -6.18
C VAL A 27 4.61 12.77 -5.12
N CYS A 28 5.53 12.62 -4.17
CA CYS A 28 5.72 13.61 -3.11
C CYS A 28 6.36 14.91 -3.61
N TRP A 29 7.26 14.80 -4.58
CA TRP A 29 7.85 15.97 -5.25
C TRP A 29 6.83 16.72 -6.04
N ALA A 30 5.95 15.98 -6.74
CA ALA A 30 4.94 16.58 -7.63
C ALA A 30 3.89 17.41 -6.90
N VAL A 31 3.52 16.97 -5.70
CA VAL A 31 2.55 17.69 -4.87
C VAL A 31 3.22 18.92 -4.25
N TRP A 32 4.51 18.80 -3.96
CA TRP A 32 5.28 19.89 -3.33
C TRP A 32 5.59 21.01 -4.28
N LEU A 33 5.73 20.69 -5.57
CA LEU A 33 6.05 21.70 -6.59
C LEU A 33 4.80 22.36 -7.20
N ASN A 34 3.89 21.54 -7.71
CA ASN A 34 2.66 22.03 -8.35
C ASN A 34 1.64 22.53 -7.32
N SER A 35 1.29 23.80 -7.43
CA SER A 35 0.36 24.45 -6.50
C SER A 35 -1.06 23.91 -6.62
N ASN A 36 -1.47 23.63 -7.87
CA ASN A 36 -2.80 23.11 -8.18
C ASN A 36 -3.09 21.73 -7.59
N LEU A 37 -2.03 20.97 -7.29
CA LEU A 37 -2.15 19.64 -6.72
C LEU A 37 -2.34 19.65 -5.20
N GLN A 38 -2.26 20.84 -4.59
CA GLN A 38 -2.36 20.95 -3.14
C GLN A 38 -3.79 21.07 -2.64
N ASN A 39 -4.42 19.91 -2.47
CA ASN A 39 -5.75 19.80 -1.88
C ASN A 39 -5.75 18.67 -0.83
N VAL A 40 -6.88 18.49 -0.15
CA VAL A 40 -6.96 17.54 0.96
C VAL A 40 -6.84 16.09 0.50
N THR A 41 -7.37 15.79 -0.69
CA THR A 41 -7.26 14.46 -1.31
C THR A 41 -5.79 14.03 -1.43
N ASN A 42 -4.94 14.96 -1.83
CA ASN A 42 -3.52 14.66 -2.05
C ASN A 42 -2.67 14.65 -0.80
N TYR A 43 -3.25 15.08 0.33
CA TYR A 43 -2.63 14.84 1.62
C TYR A 43 -2.70 13.34 1.93
N PHE A 44 -3.81 12.71 1.57
CA PHE A 44 -3.97 11.26 1.71
C PHE A 44 -3.06 10.51 0.74
N VAL A 45 -2.96 11.02 -0.49
CA VAL A 45 -2.10 10.43 -1.53
C VAL A 45 -0.64 10.46 -1.12
N VAL A 46 -0.21 11.59 -0.56
CA VAL A 46 1.16 11.81 -0.12
C VAL A 46 1.50 11.01 1.13
N SER A 47 0.49 10.76 1.96
CA SER A 47 0.67 9.95 3.16
C SER A 47 0.84 8.49 2.80
N ALA A 48 0.07 8.02 1.83
CA ALA A 48 0.23 6.66 1.31
C ALA A 48 1.59 6.50 0.63
N ALA A 49 2.02 7.54 -0.08
CA ALA A 49 3.32 7.56 -0.74
C ALA A 49 4.49 7.56 0.26
N ALA A 50 4.36 8.35 1.33
CA ALA A 50 5.35 8.38 2.40
C ALA A 50 5.48 7.03 3.11
N ALA A 51 4.34 6.36 3.29
CA ALA A 51 4.30 5.03 3.90
C ALA A 51 4.91 3.97 2.99
N ASP A 52 4.77 4.16 1.68
CA ASP A 52 5.35 3.26 0.68
C ASP A 52 6.87 3.36 0.64
N ILE A 53 7.38 4.59 0.75
CA ILE A 53 8.82 4.85 0.83
C ILE A 53 9.44 4.08 2.01
N LEU A 54 8.80 4.17 3.17
CA LEU A 54 9.24 3.44 4.37
C LEU A 54 9.18 1.91 4.17
N VAL A 55 8.25 1.45 3.34
CA VAL A 55 8.19 0.02 2.98
C VAL A 55 9.42 -0.36 2.16
N GLY A 56 9.76 0.48 1.18
CA GLY A 56 10.89 0.25 0.29
C GLY A 56 12.23 0.37 0.97
N VAL A 57 12.41 1.44 1.75
CA VAL A 57 13.66 1.71 2.47
C VAL A 57 13.91 0.71 3.60
N LEU A 58 12.86 0.40 4.36
CA LEU A 58 13.02 -0.37 5.61
C LEU A 58 12.35 -1.75 5.60
N ALA A 59 11.04 -1.78 5.37
CA ALA A 59 10.26 -3.02 5.49
C ALA A 59 10.74 -4.13 4.56
N ILE A 60 11.04 -3.79 3.31
CA ILE A 60 11.50 -4.78 2.32
C ILE A 60 12.88 -5.38 2.67
N PRO A 61 13.89 -4.54 3.00
CA PRO A 61 15.13 -5.12 3.52
C PRO A 61 14.92 -6.05 4.72
N PHE A 62 14.09 -5.62 5.68
CA PHE A 62 13.78 -6.43 6.86
C PHE A 62 13.11 -7.75 6.51
N ALA A 63 12.23 -7.74 5.51
CA ALA A 63 11.52 -8.93 5.05
C ALA A 63 12.43 -9.94 4.32
N ILE A 64 13.56 -9.44 3.81
CA ILE A 64 14.61 -10.29 3.23
C ILE A 64 15.37 -11.04 4.34
N ALA A 65 15.71 -10.32 5.41
CA ALA A 65 16.35 -10.92 6.58
C ALA A 65 15.44 -11.97 7.23
N ILE A 66 14.14 -11.74 7.12
CA ILE A 66 13.10 -12.65 7.59
C ILE A 66 13.05 -13.95 6.76
N SER A 67 13.84 -14.00 5.68
CA SER A 67 13.96 -15.21 4.85
C SER A 67 15.36 -15.84 4.90
N THR A 68 16.40 -15.01 5.02
CA THR A 68 17.78 -15.48 5.04
C THR A 68 18.09 -16.40 6.21
N GLY A 69 17.38 -16.19 7.32
CA GLY A 69 17.51 -17.02 8.51
C GLY A 69 18.82 -16.81 9.24
N PHE A 70 19.19 -15.54 9.43
CA PHE A 70 20.37 -15.17 10.20
C PHE A 70 20.15 -15.50 11.68
N CYS A 71 21.24 -15.71 12.42
CA CYS A 71 21.14 -16.03 13.83
C CYS A 71 20.89 -14.76 14.67
N ALA A 72 19.84 -14.82 15.48
CA ALA A 72 19.44 -13.70 16.33
C ALA A 72 18.70 -14.19 17.58
N ALA A 73 18.61 -13.32 18.58
CA ALA A 73 17.76 -13.58 19.74
C ALA A 73 16.30 -13.63 19.28
N CYS A 74 15.49 -14.45 19.94
CA CYS A 74 14.11 -14.70 19.52
C CYS A 74 13.26 -13.43 19.44
N HIS A 75 13.30 -12.62 20.48
CA HIS A 75 12.51 -11.39 20.54
C HIS A 75 13.02 -10.31 19.62
N GLY A 76 14.34 -10.30 19.40
CA GLY A 76 14.97 -9.39 18.46
C GLY A 76 14.58 -9.70 17.02
N CYS A 77 14.53 -10.99 16.71
CA CYS A 77 14.06 -11.46 15.42
C CYS A 77 12.56 -11.15 15.26
N LEU A 78 11.81 -11.31 16.35
CA LEU A 78 10.38 -10.97 16.38
C LEU A 78 10.17 -9.48 16.12
N PHE A 79 11.06 -8.66 16.69
CA PHE A 79 11.02 -7.21 16.52
C PHE A 79 11.09 -6.80 15.05
N ILE A 80 12.01 -7.41 14.32
CA ILE A 80 12.19 -7.14 12.89
C ILE A 80 10.94 -7.52 12.08
N ALA A 81 10.36 -8.68 12.38
CA ALA A 81 9.14 -9.16 11.72
C ALA A 81 7.94 -8.26 12.02
N CYS A 82 7.83 -7.80 13.26
CA CYS A 82 6.74 -6.92 13.67
C CYS A 82 6.82 -5.57 12.96
N PHE A 83 8.04 -5.09 12.75
CA PHE A 83 8.28 -3.81 12.07
C PHE A 83 7.87 -3.87 10.59
N VAL A 84 8.05 -5.04 9.98
CA VAL A 84 7.54 -5.29 8.62
C VAL A 84 6.02 -5.13 8.61
N LEU A 85 5.37 -5.69 9.63
CA LEU A 85 3.91 -5.65 9.75
C LEU A 85 3.37 -4.24 10.01
N VAL A 86 4.07 -3.47 10.85
CA VAL A 86 3.68 -2.09 11.15
C VAL A 86 3.75 -1.23 9.89
N LEU A 87 4.84 -1.37 9.13
CA LEU A 87 5.10 -0.53 7.97
C LEU A 87 4.24 -0.87 6.75
N THR A 88 3.89 -2.16 6.61
CA THR A 88 3.01 -2.59 5.53
C THR A 88 1.55 -2.23 5.84
N ALA A 89 1.16 -2.36 7.10
CA ALA A 89 -0.20 -1.97 7.52
C ALA A 89 -0.47 -0.48 7.30
N SER A 90 0.52 0.36 7.60
CA SER A 90 0.41 1.80 7.43
C SER A 90 0.19 2.18 5.97
N SER A 91 0.83 1.43 5.08
CA SER A 91 0.64 1.58 3.66
C SER A 91 -0.77 1.19 3.21
N ILE A 92 -1.32 0.15 3.82
CA ILE A 92 -2.71 -0.28 3.56
C ILE A 92 -3.74 0.73 4.08
N PHE A 93 -3.61 1.12 5.35
CA PHE A 93 -4.60 2.01 5.98
C PHE A 93 -4.68 3.41 5.35
N SER A 94 -3.55 3.94 4.90
CA SER A 94 -3.54 5.25 4.24
C SER A 94 -4.04 5.19 2.80
N LEU A 95 -3.89 4.03 2.16
CA LEU A 95 -4.48 3.78 0.84
C LEU A 95 -6.01 3.73 0.96
N LEU A 96 -6.49 3.13 2.05
CA LEU A 96 -7.91 3.05 2.35
C LEU A 96 -8.51 4.43 2.58
N ALA A 97 -7.73 5.31 3.19
CA ALA A 97 -8.15 6.70 3.42
C ALA A 97 -8.39 7.45 2.11
N ILE A 98 -7.57 7.17 1.09
CA ILE A 98 -7.79 7.73 -0.25
C ILE A 98 -9.16 7.31 -0.76
N ALA A 99 -9.45 6.01 -0.66
CA ALA A 99 -10.74 5.44 -1.07
C ALA A 99 -11.93 6.07 -0.35
N ILE A 100 -11.83 6.20 0.97
CA ILE A 100 -12.90 6.82 1.78
C ILE A 100 -13.10 8.29 1.40
N ASP A 101 -11.99 9.00 1.15
CA ASP A 101 -12.03 10.39 0.72
C ASP A 101 -12.75 10.54 -0.63
N ARG A 102 -12.53 9.59 -1.53
CA ARG A 102 -13.17 9.61 -2.85
C ARG A 102 -14.67 9.31 -2.76
N TYR A 103 -15.02 8.38 -1.87
CA TYR A 103 -16.42 8.08 -1.59
C TYR A 103 -17.20 9.32 -1.17
N ILE A 104 -16.67 10.02 -0.16
CA ILE A 104 -17.29 11.24 0.36
C ILE A 104 -17.34 12.34 -0.70
N ALA A 105 -16.37 12.33 -1.61
CA ALA A 105 -16.33 13.29 -2.72
C ALA A 105 -17.45 13.04 -3.74
N ILE A 106 -17.68 11.77 -4.07
CA ILE A 106 -18.69 11.40 -5.07
C ILE A 106 -20.12 11.34 -4.50
N ARG A 107 -20.26 10.74 -3.32
CA ARG A 107 -21.57 10.64 -2.67
C ARG A 107 -22.09 11.97 -2.15
N ILE A 108 -21.21 12.77 -1.54
CA ILE A 108 -21.61 14.01 -0.87
C ILE A 108 -20.78 15.22 -1.36
N PRO A 109 -20.87 15.55 -2.66
CA PRO A 109 -19.97 16.55 -3.26
C PRO A 109 -20.23 17.99 -2.78
N LEU A 110 -21.46 18.25 -2.33
CA LEU A 110 -21.86 19.56 -1.84
C LEU A 110 -21.23 19.92 -0.49
N ARG A 111 -21.00 18.89 0.32
CA ARG A 111 -20.53 19.09 1.70
C ARG A 111 -19.08 18.66 1.93
N TYR A 112 -18.42 18.18 0.88
CA TYR A 112 -17.04 17.68 0.94
C TYR A 112 -16.05 18.64 1.60
N ASN A 113 -16.00 19.88 1.13
CA ASN A 113 -15.02 20.88 1.59
C ASN A 113 -15.14 21.26 3.06
N GLY A 114 -16.37 21.43 3.54
CA GLY A 114 -16.62 21.74 4.94
C GLY A 114 -16.44 20.55 5.86
N LEU A 115 -16.59 19.35 5.29
CA LEU A 115 -16.53 18.09 6.02
C LEU A 115 -15.13 17.49 6.13
N VAL A 116 -14.42 17.41 5.00
CA VAL A 116 -13.07 16.84 4.94
C VAL A 116 -12.03 17.97 5.02
N THR A 117 -11.92 18.57 6.20
CA THR A 117 -10.98 19.68 6.42
C THR A 117 -9.59 19.18 6.79
N GLY A 118 -8.61 20.07 6.66
CA GLY A 118 -7.19 19.74 6.90
C GLY A 118 -6.88 19.18 8.28
N THR A 119 -7.59 19.67 9.29
CA THR A 119 -7.46 19.19 10.67
C THR A 119 -7.95 17.74 10.78
N ARG A 120 -9.09 17.46 10.16
CA ARG A 120 -9.67 16.12 10.18
C ARG A 120 -8.86 15.12 9.38
N ALA A 121 -8.30 15.56 8.25
CA ALA A 121 -7.43 14.71 7.42
C ALA A 121 -6.18 14.26 8.18
N LYS A 122 -5.58 15.19 8.90
CA LYS A 122 -4.42 14.91 9.76
C LYS A 122 -4.78 13.98 10.92
N GLY A 123 -6.05 14.00 11.31
CA GLY A 123 -6.55 13.10 12.34
C GLY A 123 -6.74 11.68 11.84
N ILE A 124 -7.21 11.56 10.60
CA ILE A 124 -7.45 10.25 9.97
C ILE A 124 -6.15 9.46 9.77
N ILE A 125 -5.08 10.16 9.40
CA ILE A 125 -3.79 9.50 9.16
C ILE A 125 -3.02 9.23 10.45
N ALA A 126 -3.27 10.04 11.48
CA ALA A 126 -2.75 9.76 12.82
C ALA A 126 -3.32 8.44 13.31
N ILE A 127 -4.62 8.24 13.07
CA ILE A 127 -5.31 6.99 13.40
C ILE A 127 -4.74 5.79 12.64
N CYS A 128 -4.41 6.00 11.36
CA CYS A 128 -3.80 4.95 10.53
C CYS A 128 -2.54 4.38 11.16
N TRP A 129 -1.71 5.26 11.72
CA TRP A 129 -0.45 4.86 12.35
C TRP A 129 -0.64 4.22 13.70
N VAL A 130 -1.55 4.77 14.50
CA VAL A 130 -1.93 4.16 15.78
C VAL A 130 -2.49 2.75 15.56
N LEU A 131 -3.25 2.57 14.48
CA LEU A 131 -3.77 1.25 14.08
C LEU A 131 -2.66 0.29 13.68
N SER A 132 -1.71 0.78 12.87
CA SER A 132 -0.60 -0.03 12.34
C SER A 132 0.33 -0.48 13.46
N PHE A 133 0.64 0.46 14.36
CA PHE A 133 1.46 0.17 15.54
C PHE A 133 0.80 -0.88 16.42
N ALA A 134 -0.51 -0.72 16.67
CA ALA A 134 -1.26 -1.60 17.57
C ALA A 134 -1.34 -3.04 17.05
N ILE A 135 -1.83 -3.21 15.82
CA ILE A 135 -1.92 -4.52 15.19
C ILE A 135 -0.54 -5.13 14.98
N GLY A 136 0.39 -4.35 14.42
CA GLY A 136 1.72 -4.82 14.07
C GLY A 136 2.61 -5.19 15.25
N LEU A 137 2.46 -4.47 16.36
CA LEU A 137 3.27 -4.75 17.56
C LEU A 137 2.59 -5.67 18.57
N THR A 138 1.40 -6.18 18.22
CA THR A 138 0.68 -7.12 19.08
C THR A 138 1.52 -8.37 19.45
N PRO A 139 2.16 -9.02 18.46
CA PRO A 139 2.99 -10.19 18.78
C PRO A 139 4.08 -9.94 19.81
N MET A 140 4.48 -8.68 19.97
CA MET A 140 5.55 -8.31 20.90
C MET A 140 5.09 -8.31 22.35
N LEU A 141 3.80 -8.10 22.57
CA LEU A 141 3.24 -8.01 23.92
C LEU A 141 2.98 -9.38 24.57
N GLY A 142 3.21 -10.46 23.81
CA GLY A 142 3.08 -11.82 24.34
C GLY A 142 2.56 -12.84 23.35
N TRP A 143 1.94 -12.38 22.27
CA TRP A 143 1.36 -13.26 21.25
C TRP A 143 2.41 -13.70 20.25
N ASN A 144 3.38 -14.48 20.72
CA ASN A 144 4.49 -14.98 19.87
C ASN A 144 4.89 -16.41 20.16
N ASN A 145 5.81 -16.94 19.36
CA ASN A 145 6.33 -18.31 19.53
C ASN A 145 7.61 -18.39 20.35
N CYS A 146 8.02 -17.28 20.96
CA CYS A 146 9.31 -17.21 21.65
C CYS A 146 9.34 -17.91 23.02
N GLY A 147 8.23 -18.53 23.40
CA GLY A 147 8.17 -19.38 24.59
C GLY A 147 8.96 -20.67 24.37
N GLN A 148 8.91 -21.20 23.15
CA GLN A 148 9.68 -22.38 22.78
C GLN A 148 10.58 -22.10 21.56
N PRO A 149 11.77 -21.52 21.79
CA PRO A 149 12.73 -21.28 20.71
C PRO A 149 13.32 -22.59 20.18
N LYS A 150 13.37 -22.73 18.87
CA LYS A 150 13.85 -23.95 18.22
C LYS A 150 15.38 -24.01 18.25
N GLU A 151 15.91 -24.67 19.29
CA GLU A 151 17.34 -24.69 19.58
C GLU A 151 18.12 -25.79 18.85
N GLY A 152 17.38 -26.66 18.15
CA GLY A 152 18.00 -27.68 17.29
C GLY A 152 18.76 -27.06 16.14
N LYS A 153 18.17 -26.02 15.56
CA LYS A 153 18.80 -25.24 14.49
C LYS A 153 19.92 -24.33 15.01
N ALA A 154 20.08 -24.28 16.33
CA ALA A 154 21.16 -23.53 16.96
C ALA A 154 22.34 -24.45 17.30
N GLY A 158 24.08 -23.06 12.10
CA GLY A 158 24.76 -23.21 13.39
C GLY A 158 24.79 -21.90 14.17
N CYS A 159 23.77 -21.70 15.00
CA CYS A 159 23.66 -20.49 15.80
C CYS A 159 24.22 -20.67 17.21
N GLY A 160 24.58 -19.55 17.84
CA GLY A 160 25.10 -19.56 19.21
C GLY A 160 24.02 -19.90 20.24
N GLU A 161 24.38 -19.85 21.52
CA GLU A 161 23.42 -20.15 22.59
C GLU A 161 22.39 -19.03 22.73
N GLY A 162 21.14 -19.41 22.93
CA GLY A 162 20.03 -18.46 23.04
C GLY A 162 19.72 -17.74 21.73
N GLN A 163 20.04 -18.38 20.62
CA GLN A 163 19.78 -17.82 19.29
C GLN A 163 18.95 -18.77 18.43
N VAL A 164 18.18 -18.19 17.51
CA VAL A 164 17.34 -18.95 16.60
C VAL A 164 17.52 -18.53 15.14
N ALA A 165 17.23 -19.46 14.23
CA ALA A 165 17.18 -19.13 12.80
C ALA A 165 15.98 -18.22 12.58
N CYS A 166 16.26 -16.98 12.20
CA CYS A 166 15.24 -15.94 12.11
C CYS A 166 14.30 -16.12 10.90
N LEU A 167 13.20 -16.83 11.14
CA LEU A 167 12.15 -17.04 10.14
C LEU A 167 10.81 -16.49 10.64
N PHE A 168 10.04 -15.91 9.71
CA PHE A 168 8.74 -15.30 10.01
C PHE A 168 7.79 -16.28 10.70
N GLU A 169 7.53 -17.42 10.05
CA GLU A 169 6.58 -18.42 10.54
C GLU A 169 7.05 -19.09 11.83
N ASP A 170 8.37 -19.09 12.06
CA ASP A 170 8.96 -19.58 13.30
C ASP A 170 8.59 -18.72 14.51
N VAL A 171 8.65 -17.39 14.35
CA VAL A 171 8.45 -16.47 15.47
C VAL A 171 7.05 -15.85 15.58
N VAL A 172 6.43 -15.57 14.43
CA VAL A 172 5.08 -14.99 14.39
C VAL A 172 4.03 -16.10 14.30
N PRO A 173 3.08 -16.13 15.26
CA PRO A 173 2.03 -17.15 15.31
C PRO A 173 1.00 -17.00 14.19
N MET A 174 0.61 -18.13 13.61
CA MET A 174 -0.31 -18.15 12.46
C MET A 174 -1.76 -17.88 12.82
N ASN A 175 -2.11 -18.06 14.09
CA ASN A 175 -3.44 -17.69 14.57
C ASN A 175 -3.57 -16.17 14.72
N TYR A 176 -2.45 -15.50 15.02
CA TYR A 176 -2.40 -14.05 14.99
C TYR A 176 -2.53 -13.57 13.53
N MET A 177 -1.76 -14.19 12.64
CA MET A 177 -1.74 -13.81 11.24
C MET A 177 -3.13 -13.88 10.61
N VAL A 178 -3.85 -14.96 10.89
CA VAL A 178 -5.16 -15.22 10.28
C VAL A 178 -6.32 -14.50 10.97
N TYR A 179 -6.44 -14.69 12.28
CA TYR A 179 -7.57 -14.12 13.03
C TYR A 179 -7.49 -12.61 13.18
N PHE A 180 -6.28 -12.10 13.43
CA PHE A 180 -6.08 -10.68 13.67
C PHE A 180 -5.60 -9.96 12.41
N ASN A 181 -4.41 -10.34 11.95
CA ASN A 181 -3.71 -9.58 10.92
C ASN A 181 -4.43 -9.57 9.57
N PHE A 182 -4.76 -10.76 9.07
CA PHE A 182 -5.45 -10.89 7.78
C PHE A 182 -6.80 -10.19 7.81
N PHE A 183 -7.58 -10.46 8.86
CA PHE A 183 -8.89 -9.85 9.05
C PHE A 183 -8.77 -8.34 9.04
N ALA A 184 -8.01 -7.80 10.00
CA ALA A 184 -7.94 -6.36 10.24
C ALA A 184 -7.19 -5.56 9.17
N CYS A 185 -6.17 -6.17 8.56
CA CYS A 185 -5.27 -5.44 7.65
C CYS A 185 -5.51 -5.68 6.17
N VAL A 186 -6.12 -6.80 5.81
CA VAL A 186 -6.32 -7.12 4.39
C VAL A 186 -7.80 -7.19 4.01
N LEU A 187 -8.54 -8.11 4.64
CA LEU A 187 -9.92 -8.37 4.26
C LEU A 187 -10.84 -7.16 4.45
N VAL A 188 -10.84 -6.60 5.65
CA VAL A 188 -11.71 -5.46 5.98
C VAL A 188 -11.44 -4.25 5.06
N PRO A 189 -10.17 -3.78 4.97
CA PRO A 189 -9.90 -2.71 3.99
C PRO A 189 -10.30 -3.07 2.56
N LEU A 190 -10.02 -4.31 2.13
CA LEU A 190 -10.39 -4.76 0.79
C LEU A 190 -11.91 -4.74 0.58
N LEU A 191 -12.65 -5.25 1.57
CA LEU A 191 -14.11 -5.24 1.52
C LEU A 191 -14.69 -3.83 1.51
N LEU A 192 -14.06 -2.92 2.27
CA LEU A 192 -14.48 -1.53 2.29
C LEU A 192 -14.17 -0.81 0.99
N MET A 193 -12.97 -1.03 0.45
CA MET A 193 -12.57 -0.44 -0.83
C MET A 193 -13.43 -0.97 -1.98
N LEU A 194 -13.80 -2.25 -1.90
CA LEU A 194 -14.73 -2.84 -2.86
C LEU A 194 -16.10 -2.18 -2.74
N GLY A 195 -16.58 -2.03 -1.51
CA GLY A 195 -17.85 -1.34 -1.23
C GLY A 195 -17.85 0.06 -1.79
N VAL A 196 -16.77 0.79 -1.53
CA VAL A 196 -16.59 2.16 -2.04
C VAL A 196 -16.61 2.20 -3.57
N TYR A 197 -15.94 1.25 -4.20
CA TYR A 197 -15.92 1.16 -5.67
C TYR A 197 -17.30 0.94 -6.27
N LEU A 198 -18.03 -0.04 -5.73
CA LEU A 198 -19.36 -0.40 -6.22
C LEU A 198 -20.35 0.77 -6.14
N ARG A 199 -20.28 1.51 -5.04
CA ARG A 199 -21.11 2.71 -4.86
C ARG A 199 -20.76 3.82 -5.85
N ILE A 200 -19.45 4.06 -6.06
CA ILE A 200 -19.00 5.04 -7.04
C ILE A 200 -19.41 4.65 -8.47
N PHE A 201 -19.31 3.36 -8.79
CA PHE A 201 -19.78 2.88 -10.09
C PHE A 201 -21.30 3.06 -10.25
N LEU A 202 -22.04 2.74 -9.20
CA LEU A 202 -23.50 2.92 -9.17
C LEU A 202 -23.94 4.36 -9.41
N ALA A 203 -23.30 5.31 -8.72
CA ALA A 203 -23.61 6.74 -8.89
C ALA A 203 -23.43 7.20 -10.33
N ALA A 204 -22.37 6.73 -10.98
CA ALA A 204 -22.07 7.06 -12.37
C ALA A 204 -23.10 6.46 -13.33
N ARG A 205 -23.54 5.24 -13.03
CA ARG A 205 -24.54 4.55 -13.84
C ARG A 205 -25.88 5.27 -13.77
N ARG A 206 -26.33 5.60 -12.55
CA ARG A 206 -27.56 6.35 -12.32
C ARG A 206 -27.53 7.76 -12.92
N GLN A 207 -26.36 8.38 -12.91
CA GLN A 207 -26.17 9.71 -13.48
C GLN A 207 -26.41 9.69 -14.98
N LEU A 208 -25.74 8.78 -15.68
CA LEU A 208 -25.88 8.62 -17.13
C LEU A 208 -27.33 8.34 -17.53
N LYS A 209 -28.01 7.53 -16.72
CA LYS A 209 -29.43 7.22 -16.89
C LYS A 209 -30.29 8.48 -16.92
N GLN A 210 -30.05 9.38 -15.95
CA GLN A 210 -30.86 10.60 -15.82
C GLN A 210 -30.52 11.68 -16.84
N MET A 211 -29.35 11.56 -17.47
CA MET A 211 -28.99 12.44 -18.57
C MET A 211 -29.69 12.01 -19.85
N GLU A 212 -29.97 10.72 -19.95
CA GLU A 212 -30.65 10.15 -21.12
C GLU A 212 -32.12 10.56 -21.20
N SER A 213 -32.67 10.97 -20.06
CA SER A 213 -33.99 11.61 -20.01
C SER A 213 -33.95 12.99 -20.67
N GLN A 214 -32.74 13.53 -20.83
CA GLN A 214 -32.46 14.80 -21.52
C GLN A 214 -33.47 15.94 -21.31
N PRO A 215 -33.57 16.43 -20.05
CA PRO A 215 -34.39 17.62 -19.81
C PRO A 215 -33.61 18.92 -20.01
N LEU A 216 -32.30 18.81 -20.24
CA LEU A 216 -31.43 20.00 -20.33
C LEU A 216 -30.60 20.14 -21.62
N PRO A 217 -29.90 19.07 -22.08
CA PRO A 217 -29.68 17.71 -21.58
C PRO A 217 -28.69 17.65 -20.42
N GLY A 218 -27.80 18.64 -20.32
CA GLY A 218 -26.90 18.77 -19.18
C GLY A 218 -25.47 19.09 -19.54
N GLU A 219 -24.88 20.05 -18.82
CA GLU A 219 -23.46 20.38 -18.95
C GLU A 219 -22.76 20.47 -17.58
N ARG A 220 -23.54 20.85 -16.55
CA ARG A 220 -23.10 20.70 -15.17
C ARG A 220 -23.09 19.21 -14.83
N ALA A 221 -24.12 18.51 -15.32
CA ALA A 221 -24.20 17.06 -15.20
C ALA A 221 -23.13 16.36 -16.03
N ARG A 222 -22.82 16.92 -17.20
CA ARG A 222 -21.83 16.37 -18.12
C ARG A 222 -20.45 16.16 -17.48
N SER A 223 -20.01 17.14 -16.68
CA SER A 223 -18.73 17.03 -15.99
C SER A 223 -18.83 16.14 -14.75
N THR A 224 -19.96 16.19 -14.06
CA THR A 224 -20.24 15.30 -12.93
C THR A 224 -20.04 13.84 -13.35
N LEU A 225 -20.65 13.46 -14.46
CA LEU A 225 -20.50 12.11 -15.03
C LEU A 225 -19.04 11.77 -15.27
N GLN A 226 -18.31 12.71 -15.87
CA GLN A 226 -16.88 12.53 -16.16
C GLN A 226 -16.06 12.33 -14.88
N LYS A 227 -16.42 13.06 -13.82
CA LYS A 227 -15.79 12.87 -12.50
C LYS A 227 -16.05 11.48 -11.95
N GLU A 228 -17.31 11.06 -11.99
CA GLU A 228 -17.74 9.78 -11.43
C GLU A 228 -17.18 8.58 -12.19
N VAL A 229 -17.15 8.68 -13.53
CA VAL A 229 -16.55 7.65 -14.38
C VAL A 229 -15.05 7.52 -14.09
N HIS A 230 -14.35 8.66 -14.01
CA HIS A 230 -12.93 8.68 -13.67
C HIS A 230 -12.66 8.06 -12.33
N ALA A 231 -13.47 8.40 -11.34
CA ALA A 231 -13.32 7.86 -9.98
C ALA A 231 -13.63 6.36 -9.92
N ALA A 232 -14.58 5.92 -10.75
CA ALA A 232 -14.95 4.51 -10.84
C ALA A 232 -13.80 3.66 -11.34
N LYS A 233 -13.19 4.06 -12.46
CA LYS A 233 -12.11 3.28 -13.06
C LYS A 233 -10.80 3.36 -12.28
N SER A 234 -10.60 4.45 -11.53
CA SER A 234 -9.43 4.58 -10.66
C SER A 234 -9.53 3.60 -9.50
N LEU A 235 -10.70 3.54 -8.89
CA LEU A 235 -10.93 2.64 -7.76
C LEU A 235 -10.98 1.17 -8.14
N ALA A 236 -11.42 0.88 -9.37
CA ALA A 236 -11.33 -0.48 -9.90
C ALA A 236 -9.87 -0.94 -9.92
N ILE A 237 -8.98 -0.04 -10.33
CA ILE A 237 -7.55 -0.32 -10.40
C ILE A 237 -6.93 -0.49 -9.00
N ILE A 238 -7.24 0.44 -8.09
CA ILE A 238 -6.80 0.34 -6.69
C ILE A 238 -7.18 -1.01 -6.08
N VAL A 239 -8.48 -1.34 -6.13
CA VAL A 239 -9.00 -2.55 -5.48
C VAL A 239 -8.48 -3.82 -6.16
N GLY A 240 -8.53 -3.85 -7.50
CA GLY A 240 -8.08 -4.99 -8.28
C GLY A 240 -6.64 -5.34 -8.00
N LEU A 241 -5.77 -4.33 -8.04
CA LEU A 241 -4.36 -4.51 -7.73
C LEU A 241 -4.11 -4.86 -6.27
N PHE A 242 -4.87 -4.23 -5.36
CA PHE A 242 -4.78 -4.55 -3.93
C PHE A 242 -5.11 -6.01 -3.65
N ALA A 243 -6.13 -6.53 -4.35
CA ALA A 243 -6.56 -7.92 -4.20
C ALA A 243 -5.56 -8.86 -4.85
N LEU A 244 -5.05 -8.46 -6.01
CA LEU A 244 -4.02 -9.23 -6.72
C LEU A 244 -2.73 -9.32 -5.91
N CYS A 245 -2.40 -8.24 -5.18
CA CYS A 245 -1.13 -8.15 -4.45
C CYS A 245 -1.14 -8.77 -3.06
N TRP A 246 -2.27 -8.63 -2.34
CA TRP A 246 -2.31 -9.00 -0.92
C TRP A 246 -3.02 -10.28 -0.61
N LEU A 247 -3.98 -10.68 -1.44
CA LEU A 247 -4.76 -11.89 -1.19
C LEU A 247 -3.98 -13.20 -1.29
N PRO A 248 -3.14 -13.37 -2.33
CA PRO A 248 -2.41 -14.64 -2.47
C PRO A 248 -1.62 -15.07 -1.23
N LEU A 249 -0.88 -14.14 -0.62
CA LEU A 249 -0.07 -14.44 0.56
C LEU A 249 -0.93 -14.81 1.77
N HIS A 250 -2.00 -14.04 1.98
CA HIS A 250 -2.87 -14.22 3.14
C HIS A 250 -3.78 -15.41 3.04
N ILE A 251 -4.13 -15.79 1.81
CA ILE A 251 -4.86 -17.04 1.58
C ILE A 251 -3.96 -18.24 1.92
N ILE A 252 -2.67 -18.14 1.57
CA ILE A 252 -1.67 -19.15 1.97
C ILE A 252 -1.57 -19.26 3.49
N ASN A 253 -1.72 -18.12 4.17
CA ASN A 253 -1.74 -18.11 5.63
C ASN A 253 -2.98 -18.83 6.19
N CYS A 254 -4.12 -18.62 5.51
CA CYS A 254 -5.37 -19.33 5.84
C CYS A 254 -5.27 -20.81 5.43
N PHE A 255 -4.54 -21.07 4.35
CA PHE A 255 -4.23 -22.43 3.89
C PHE A 255 -3.46 -23.16 4.98
N THR A 256 -2.40 -22.52 5.48
CA THR A 256 -1.50 -23.12 6.48
C THR A 256 -2.17 -23.34 7.84
N PHE A 257 -3.00 -22.38 8.26
CA PHE A 257 -3.63 -22.45 9.59
C PHE A 257 -4.93 -23.27 9.62
N PHE A 258 -5.92 -22.87 8.82
CA PHE A 258 -7.23 -23.53 8.82
C PHE A 258 -7.22 -24.96 8.28
N CYS A 259 -6.24 -25.27 7.44
CA CYS A 259 -6.06 -26.62 6.91
C CYS A 259 -4.69 -27.16 7.35
N PRO A 260 -4.64 -27.78 8.55
CA PRO A 260 -3.39 -28.36 9.06
C PRO A 260 -2.99 -29.64 8.33
N ASP A 261 -3.96 -30.28 7.67
CA ASP A 261 -3.72 -31.48 6.86
C ASP A 261 -2.92 -31.13 5.60
N CYS A 262 -3.65 -30.80 4.54
CA CYS A 262 -3.11 -30.47 3.21
C CYS A 262 -1.65 -30.02 3.16
N HIS A 264 1.52 -28.11 3.03
CA HIS A 264 2.03 -26.74 3.04
C HIS A 264 2.49 -26.32 1.66
N ALA A 265 2.34 -25.04 1.36
CA ALA A 265 2.75 -24.45 0.08
C ALA A 265 4.27 -24.51 -0.12
N PRO A 266 4.73 -24.76 -1.37
CA PRO A 266 6.15 -24.83 -1.70
C PRO A 266 6.90 -23.50 -1.50
N LEU A 267 8.23 -23.55 -1.55
CA LEU A 267 9.08 -22.40 -1.25
C LEU A 267 9.03 -21.29 -2.30
N TRP A 268 9.07 -21.67 -3.58
CA TRP A 268 9.01 -20.70 -4.67
C TRP A 268 7.71 -19.94 -4.68
N LEU A 269 6.64 -20.59 -4.23
CA LEU A 269 5.32 -19.97 -4.15
C LEU A 269 5.23 -18.98 -2.99
N MET A 270 5.93 -19.28 -1.89
CA MET A 270 5.99 -18.37 -0.74
C MET A 270 6.65 -17.06 -1.13
N TYR A 271 7.81 -17.14 -1.78
CA TYR A 271 8.56 -15.97 -2.23
C TYR A 271 7.76 -15.10 -3.20
N LEU A 272 7.11 -15.76 -4.17
CA LEU A 272 6.27 -15.08 -5.14
C LEU A 272 5.15 -14.27 -4.48
N ALA A 273 4.56 -14.84 -3.42
CA ALA A 273 3.47 -14.19 -2.69
C ALA A 273 3.96 -13.01 -1.85
N ILE A 274 5.12 -13.18 -1.23
CA ILE A 274 5.75 -12.12 -0.44
C ILE A 274 6.09 -10.94 -1.38
N VAL A 275 6.71 -11.26 -2.50
CA VAL A 275 7.06 -10.28 -3.53
C VAL A 275 5.80 -9.52 -4.00
N LEU A 276 4.75 -10.26 -4.32
CA LEU A 276 3.46 -9.68 -4.70
C LEU A 276 2.92 -8.71 -3.63
N SER A 277 3.01 -9.11 -2.36
CA SER A 277 2.54 -8.26 -1.26
C SER A 277 3.24 -6.90 -1.26
N HIS A 278 4.54 -6.90 -1.56
CA HIS A 278 5.34 -5.68 -1.57
C HIS A 278 5.12 -4.80 -2.76
N THR A 279 4.76 -5.40 -3.90
CA THR A 279 4.55 -4.63 -5.13
C THR A 279 3.29 -3.75 -5.11
N ASN A 280 2.45 -3.91 -4.08
CA ASN A 280 1.33 -2.98 -3.87
C ASN A 280 1.85 -1.58 -3.51
N SER A 281 3.00 -1.54 -2.84
CA SER A 281 3.63 -0.28 -2.46
C SER A 281 4.15 0.53 -3.64
N VAL A 282 4.52 -0.14 -4.73
CA VAL A 282 4.93 0.57 -5.94
C VAL A 282 3.74 1.04 -6.79
N VAL A 283 2.69 0.24 -6.88
CA VAL A 283 1.54 0.55 -7.75
C VAL A 283 0.44 1.36 -7.08
N ASN A 284 0.30 1.21 -5.77
CA ASN A 284 -0.68 1.98 -4.99
C ASN A 284 0.02 2.93 -4.03
N PRO A 285 -0.26 4.25 -4.13
CA PRO A 285 -1.24 4.87 -5.01
C PRO A 285 -0.67 5.53 -6.27
N PHE A 286 0.47 5.04 -6.75
CA PHE A 286 1.14 5.67 -7.91
C PHE A 286 0.26 5.74 -9.14
N ILE A 287 -0.37 4.62 -9.50
CA ILE A 287 -1.20 4.54 -10.70
C ILE A 287 -2.44 5.43 -10.59
N TYR A 288 -2.96 5.56 -9.37
CA TYR A 288 -4.03 6.50 -9.07
C TYR A 288 -3.57 7.92 -9.38
N ALA A 289 -2.38 8.28 -8.89
CA ALA A 289 -1.79 9.60 -9.12
C ALA A 289 -1.52 9.82 -10.61
N TYR A 290 -0.83 8.87 -11.24
CA TYR A 290 -0.53 8.93 -12.67
C TYR A 290 -1.77 9.20 -13.54
N ARG A 291 -2.92 8.65 -13.13
CA ARG A 291 -4.18 8.80 -13.86
C ARG A 291 -4.74 10.23 -13.91
N ILE A 292 -4.45 11.04 -12.89
CA ILE A 292 -4.78 12.47 -12.92
C ILE A 292 -3.82 13.18 -13.88
N ARG A 293 -4.37 13.91 -14.84
CA ARG A 293 -3.58 14.65 -15.85
C ARG A 293 -2.61 15.65 -15.23
N GLU A 294 -3.06 16.32 -14.16
CA GLU A 294 -2.26 17.32 -13.46
C GLU A 294 -1.05 16.70 -12.75
N PHE A 295 -1.18 15.45 -12.32
CA PHE A 295 -0.05 14.70 -11.78
C PHE A 295 0.91 14.33 -12.90
N ARG A 296 0.34 13.87 -14.01
CA ARG A 296 1.08 13.35 -15.16
C ARG A 296 1.96 14.41 -15.82
N GLN A 297 1.45 15.63 -15.91
CA GLN A 297 2.19 16.75 -16.49
C GLN A 297 3.27 17.31 -15.56
N THR A 298 3.05 17.16 -14.26
CA THR A 298 4.07 17.52 -13.27
C THR A 298 5.18 16.47 -13.23
N PHE A 299 4.81 15.21 -13.45
CA PHE A 299 5.79 14.13 -13.57
C PHE A 299 6.72 14.42 -14.74
N ARG A 300 6.13 14.74 -15.88
CA ARG A 300 6.88 15.05 -17.11
C ARG A 300 7.86 16.21 -16.94
N LYS A 301 7.43 17.28 -16.26
CA LYS A 301 8.27 18.45 -16.01
C LYS A 301 9.45 18.16 -15.09
N ILE A 302 9.22 17.39 -14.02
CA ILE A 302 10.26 17.01 -13.07
C ILE A 302 11.29 16.08 -13.73
N ILE A 303 10.81 15.10 -14.47
CA ILE A 303 11.67 14.13 -15.17
C ILE A 303 12.51 14.82 -16.24
N ARG A 304 11.85 15.53 -17.17
CA ARG A 304 12.53 16.21 -18.27
C ARG A 304 13.54 17.24 -17.77
N SER A 305 13.17 17.99 -16.74
CA SER A 305 14.07 18.96 -16.10
C SER A 305 15.32 18.30 -15.51
N HIS A 306 15.11 17.14 -14.89
CA HIS A 306 16.20 16.37 -14.29
C HIS A 306 17.16 15.83 -15.33
N VAL A 307 16.61 15.32 -16.43
CA VAL A 307 17.40 14.77 -17.53
C VAL A 307 18.20 15.86 -18.25
N LEU A 308 17.60 17.04 -18.42
CA LEU A 308 18.27 18.14 -19.11
C LEU A 308 19.40 18.75 -18.26
N ARG A 309 19.15 18.89 -16.96
CA ARG A 309 20.16 19.43 -16.03
C ARG A 309 21.35 18.47 -15.89
N GLN A 310 21.10 17.18 -16.09
CA GLN A 310 22.11 16.14 -15.99
C GLN A 310 22.94 16.01 -17.27
N GLN A 311 22.30 16.18 -18.42
CA GLN A 311 22.96 15.97 -19.71
C GLN A 311 23.65 17.21 -20.29
N GLU A 312 23.35 18.39 -19.75
CA GLU A 312 23.87 19.65 -20.31
C GLU A 312 25.40 19.83 -20.26
N PRO A 313 26.07 19.38 -19.17
CA PRO A 313 27.54 19.50 -19.19
C PRO A 313 28.22 18.67 -20.28
N PHE A 314 27.54 17.62 -20.73
CA PHE A 314 28.07 16.71 -21.74
C PHE A 314 27.75 17.13 -23.17
N LYS A 315 26.80 18.06 -23.32
CA LYS A 315 26.34 18.51 -24.63
C LYS A 315 27.24 19.61 -25.20
N ALA A 316 28.00 19.26 -26.24
CA ALA A 316 28.94 20.21 -26.85
C ALA A 316 28.25 21.20 -27.78
N ALA A 317 28.75 22.44 -27.78
CA ALA A 317 28.29 23.46 -28.71
C ALA A 317 28.85 23.18 -30.10
N ALA A 318 28.28 23.82 -31.12
CA ALA A 318 28.63 23.58 -32.54
C ALA A 318 30.14 23.57 -32.86
N ALA A 319 30.90 24.45 -32.21
CA ALA A 319 32.37 24.46 -32.32
C ALA A 319 33.02 23.94 -31.03
#